data_1GUA
#
_entry.id   1GUA
#
_cell.length_a   44.500
_cell.length_b   71.800
_cell.length_c   100.300
_cell.angle_alpha   90.00
_cell.angle_beta   90.00
_cell.angle_gamma   90.00
#
_symmetry.space_group_name_H-M   'P 21 21 21'
#
loop_
_entity.id
_entity.type
_entity.pdbx_description
1 polymer RAP1A
2 polymer C-RAF1
3 non-polymer 'MAGNESIUM ION'
4 non-polymer 'PHOSPHOAMINOPHOSPHONIC ACID-GUANYLATE ESTER'
5 non-polymer 'CALCIUM ION'
6 water water
#
loop_
_entity_poly.entity_id
_entity_poly.type
_entity_poly.pdbx_seq_one_letter_code
_entity_poly.pdbx_strand_id
1 'polypeptide(L)'
;MREYKLVVLGSGGVGKSALTVQFVQGIFVDEYDPTIEDSYRKQVEVDCQQCMLEILDTAGTEQFTAMRDLYMKNGQGFAL
VYSITAQSTFNDLQDLREQILRVKDTEDVPMILVGNKCDLEDERVVGKEQGQNLARQWCNCAFLESSAKSKINVNEIFYD
LVRQINR
;
A
2 'polypeptide(L)'
;PSKTSNTIRVFLPNKQRTVVNVRNGMSLHDCLMKALKVRGLQPECCAVFRLLHEHKGKKARLDWNTDAASLIGEELQVDF
L
;
B
#
loop_
_chem_comp.id
_chem_comp.type
_chem_comp.name
_chem_comp.formula
CA non-polymer 'CALCIUM ION' 'Ca 2'
GNP non-polymer 'PHOSPHOAMINOPHOSPHONIC ACID-GUANYLATE ESTER' 'C10 H17 N6 O13 P3'
MG non-polymer 'MAGNESIUM ION' 'Mg 2'
#
# COMPACT_ATOMS: atom_id res chain seq x y z
N MET A 1 21.13 2.88 5.12
CA MET A 1 20.28 4.05 5.51
C MET A 1 19.13 3.50 6.35
N ARG A 2 18.50 4.36 7.13
CA ARG A 2 17.39 3.98 8.02
C ARG A 2 16.09 3.61 7.31
N GLU A 3 15.43 2.58 7.83
CA GLU A 3 14.18 2.06 7.30
C GLU A 3 12.98 2.54 8.09
N TYR A 4 11.90 2.87 7.38
CA TYR A 4 10.66 3.33 8.01
C TYR A 4 9.51 2.46 7.51
N LYS A 5 8.80 1.81 8.42
CA LYS A 5 7.70 0.93 8.01
C LYS A 5 6.35 1.61 8.15
N LEU A 6 5.72 1.92 7.03
CA LEU A 6 4.44 2.60 7.06
C LEU A 6 3.32 1.70 6.54
N VAL A 7 2.13 1.87 7.08
CA VAL A 7 0.99 1.09 6.65
C VAL A 7 -0.10 2.05 6.23
N VAL A 8 -0.68 1.83 5.05
CA VAL A 8 -1.79 2.64 4.56
C VAL A 8 -3.08 1.85 4.78
N LEU A 9 -3.96 2.39 5.61
CA LEU A 9 -5.23 1.77 5.95
C LEU A 9 -6.42 2.58 5.47
N GLY A 10 -7.56 1.90 5.37
CA GLY A 10 -8.79 2.55 4.94
C GLY A 10 -9.72 1.62 4.23
N SER A 11 -10.97 2.03 4.04
CA SER A 11 -11.97 1.21 3.35
C SER A 11 -11.71 1.16 1.86
N GLY A 12 -12.47 0.34 1.16
CA GLY A 12 -12.28 0.17 -0.26
C GLY A 12 -12.64 1.33 -1.15
N GLY A 13 -11.81 1.55 -2.17
CA GLY A 13 -12.02 2.58 -3.16
C GLY A 13 -11.70 4.00 -2.77
N VAL A 14 -11.10 4.20 -1.60
CA VAL A 14 -10.79 5.54 -1.13
C VAL A 14 -9.55 6.14 -1.79
N GLY A 15 -8.73 5.31 -2.43
CA GLY A 15 -7.53 5.78 -3.07
C GLY A 15 -6.21 5.38 -2.41
N LYS A 16 -6.21 4.42 -1.51
CA LYS A 16 -4.96 3.99 -0.86
C LYS A 16 -3.87 3.66 -1.88
N SER A 17 -4.21 2.85 -2.88
CA SER A 17 -3.25 2.46 -3.91
C SER A 17 -2.89 3.61 -4.84
N ALA A 18 -3.87 4.41 -5.19
CA ALA A 18 -3.61 5.55 -6.04
C ALA A 18 -2.64 6.55 -5.41
N LEU A 19 -2.73 6.74 -4.10
CA LEU A 19 -1.84 7.64 -3.40
C LEU A 19 -0.44 7.02 -3.36
N THR A 20 -0.37 5.74 -3.04
CA THR A 20 0.87 5.00 -2.96
C THR A 20 1.63 4.95 -4.27
N VAL A 21 1.00 4.54 -5.37
CA VAL A 21 1.75 4.50 -6.61
C VAL A 21 2.04 5.87 -7.20
N GLN A 22 1.23 6.87 -6.86
CA GLN A 22 1.50 8.22 -7.32
C GLN A 22 2.79 8.63 -6.58
N PHE A 23 2.89 8.30 -5.31
CA PHE A 23 4.08 8.63 -4.50
C PHE A 23 5.36 7.93 -4.94
N VAL A 24 5.28 6.62 -5.18
CA VAL A 24 6.47 5.88 -5.59
C VAL A 24 6.80 5.91 -7.06
N GLN A 25 5.81 6.00 -7.93
CA GLN A 25 6.13 5.91 -9.33
C GLN A 25 5.70 7.07 -10.17
N GLY A 26 4.94 7.98 -9.60
CA GLY A 26 4.48 9.13 -10.35
C GLY A 26 3.48 8.78 -11.42
N ILE A 27 2.77 7.67 -11.23
CA ILE A 27 1.77 7.17 -12.17
C ILE A 27 0.41 7.35 -11.51
N PHE A 28 -0.62 7.78 -12.25
CA PHE A 28 -1.97 7.88 -11.66
C PHE A 28 -2.78 6.67 -12.10
N VAL A 29 -3.22 5.87 -11.14
CA VAL A 29 -3.99 4.69 -11.46
C VAL A 29 -5.45 5.10 -11.54
N ASP A 30 -5.95 5.14 -12.77
CA ASP A 30 -7.32 5.51 -13.02
C ASP A 30 -8.34 4.39 -12.79
N GLU A 31 -7.93 3.14 -13.00
CA GLU A 31 -8.83 2.01 -12.82
C GLU A 31 -8.97 1.64 -11.36
N TYR A 32 -10.07 0.96 -11.06
CA TYR A 32 -10.36 0.51 -9.72
C TYR A 32 -10.06 -0.98 -9.70
N ASP A 33 -8.88 -1.31 -9.21
CA ASP A 33 -8.45 -2.70 -9.15
C ASP A 33 -8.20 -3.01 -7.69
N PRO A 34 -9.21 -3.61 -7.01
CA PRO A 34 -9.05 -3.94 -5.60
C PRO A 34 -7.77 -4.69 -5.22
N THR A 35 -7.12 -4.18 -4.18
CA THR A 35 -5.89 -4.75 -3.68
C THR A 35 -6.15 -6.02 -2.91
N ILE A 36 -5.20 -6.94 -3.01
CA ILE A 36 -5.24 -8.17 -2.29
C ILE A 36 -4.11 -8.08 -1.28
N GLU A 37 -2.89 -7.80 -1.77
CA GLU A 37 -1.72 -7.71 -0.91
C GLU A 37 -0.62 -7.06 -1.73
N ASP A 38 -0.08 -5.95 -1.25
CA ASP A 38 0.97 -5.23 -1.98
C ASP A 38 1.90 -4.45 -1.06
N SER A 39 3.20 -4.55 -1.26
CA SER A 39 4.11 -3.76 -0.46
C SER A 39 5.10 -3.12 -1.42
N TYR A 40 5.44 -1.87 -1.12
CA TYR A 40 6.35 -1.09 -1.93
C TYR A 40 7.49 -0.62 -1.06
N ARG A 41 8.64 -0.38 -1.67
CA ARG A 41 9.81 0.12 -0.97
C ARG A 41 10.47 1.10 -1.90
N LYS A 42 10.89 2.25 -1.37
CA LYS A 42 11.55 3.23 -2.20
C LYS A 42 12.52 4.05 -1.36
N GLN A 43 13.71 4.29 -1.92
CA GLN A 43 14.77 5.07 -1.29
C GLN A 43 14.39 6.50 -1.60
N VAL A 44 14.20 7.32 -0.57
CA VAL A 44 13.83 8.70 -0.74
C VAL A 44 14.77 9.59 0.05
N GLU A 45 14.52 10.89 -0.05
CA GLU A 45 15.30 11.88 0.66
C GLU A 45 14.29 12.69 1.44
N VAL A 46 14.37 12.65 2.76
CA VAL A 46 13.46 13.42 3.58
C VAL A 46 14.33 14.29 4.46
N ASP A 47 14.21 15.61 4.30
CA ASP A 47 14.97 16.60 5.09
C ASP A 47 16.46 16.40 5.00
N CYS A 48 16.96 16.31 3.77
CA CYS A 48 18.40 16.14 3.49
C CYS A 48 18.94 14.76 3.88
N GLN A 49 18.05 13.79 4.07
CA GLN A 49 18.52 12.48 4.47
C GLN A 49 17.93 11.42 3.58
N GLN A 50 18.80 10.51 3.13
CA GLN A 50 18.41 9.40 2.27
C GLN A 50 17.91 8.30 3.17
N CYS A 51 16.68 7.84 2.95
CA CYS A 51 16.15 6.77 3.77
C CYS A 51 15.31 5.78 3.00
N MET A 52 15.13 4.62 3.59
CA MET A 52 14.38 3.57 2.97
C MET A 52 12.94 3.52 3.50
N LEU A 53 11.97 3.65 2.62
CA LEU A 53 10.59 3.57 3.06
C LEU A 53 9.90 2.29 2.63
N GLU A 54 9.31 1.59 3.58
CA GLU A 54 8.55 0.40 3.26
C GLU A 54 7.08 0.80 3.43
N ILE A 55 6.28 0.62 2.39
CA ILE A 55 4.87 0.98 2.44
C ILE A 55 3.96 -0.23 2.18
N LEU A 56 3.27 -0.68 3.22
CA LEU A 56 2.33 -1.79 3.09
C LEU A 56 0.98 -1.19 2.73
N ASP A 57 0.47 -1.57 1.57
CA ASP A 57 -0.80 -1.09 1.04
C ASP A 57 -1.80 -2.21 1.35
N THR A 58 -2.80 -1.93 2.16
CA THR A 58 -3.75 -2.94 2.55
C THR A 58 -5.02 -3.05 1.72
N ALA A 59 -5.68 -4.19 1.81
CA ALA A 59 -6.92 -4.46 1.10
C ALA A 59 -8.09 -3.84 1.86
N GLY A 60 -8.79 -2.92 1.24
CA GLY A 60 -9.90 -2.29 1.91
C GLY A 60 -11.10 -3.21 1.94
N THR A 61 -11.08 -4.20 1.07
CA THR A 61 -12.19 -5.13 0.98
C THR A 61 -11.70 -6.55 1.07
N GLU A 62 -11.60 -7.11 2.26
CA GLU A 62 -11.14 -8.49 2.38
C GLU A 62 -12.01 -9.29 3.35
N GLN A 63 -12.02 -10.60 3.17
CA GLN A 63 -12.85 -11.45 4.00
C GLN A 63 -12.25 -11.83 5.32
N PHE A 64 -10.93 -11.99 5.34
CA PHE A 64 -10.25 -12.37 6.56
C PHE A 64 -9.37 -11.20 6.97
N THR A 65 -9.61 -10.68 8.16
CA THR A 65 -8.89 -9.54 8.68
C THR A 65 -7.97 -9.85 9.84
N ALA A 66 -7.74 -11.13 10.10
CA ALA A 66 -6.87 -11.56 11.19
C ALA A 66 -5.44 -10.98 11.11
N MET A 67 -4.94 -10.77 9.89
CA MET A 67 -3.59 -10.24 9.68
C MET A 67 -3.42 -8.76 9.97
N ARG A 68 -4.52 -8.00 10.00
CA ARG A 68 -4.47 -6.56 10.26
C ARG A 68 -3.80 -6.25 11.58
N ASP A 69 -4.09 -7.07 12.57
CA ASP A 69 -3.47 -6.91 13.88
C ASP A 69 -1.96 -7.01 13.78
N LEU A 70 -1.46 -7.90 12.91
CA LEU A 70 -0.02 -8.13 12.73
C LEU A 70 0.64 -7.02 11.93
N TYR A 71 -0.08 -6.49 10.96
CA TYR A 71 0.40 -5.37 10.18
C TYR A 71 0.56 -4.16 11.09
N MET A 72 -0.36 -4.01 12.03
CA MET A 72 -0.29 -2.89 12.95
C MET A 72 0.80 -3.06 13.97
N LYS A 73 1.07 -4.30 14.36
CA LYS A 73 2.11 -4.60 15.33
C LYS A 73 3.46 -4.21 14.77
N ASN A 74 3.73 -4.53 13.51
CA ASN A 74 5.03 -4.21 12.90
C ASN A 74 5.23 -2.85 12.24
N GLY A 75 4.14 -2.10 12.00
CA GLY A 75 4.26 -0.82 11.36
C GLY A 75 4.67 0.27 12.32
N GLN A 76 5.41 1.25 11.82
CA GLN A 76 5.85 2.36 12.66
C GLN A 76 4.96 3.59 12.55
N GLY A 77 4.40 3.82 11.37
CA GLY A 77 3.54 4.96 11.13
C GLY A 77 2.35 4.54 10.30
N PHE A 78 1.19 5.16 10.56
CA PHE A 78 -0.04 4.80 9.86
C PHE A 78 -0.75 5.94 9.18
N ALA A 79 -1.17 5.70 7.94
CA ALA A 79 -1.94 6.67 7.18
C ALA A 79 -3.38 6.11 7.08
N LEU A 80 -4.34 6.77 7.72
CA LEU A 80 -5.74 6.36 7.69
C LEU A 80 -6.42 7.20 6.65
N VAL A 81 -6.80 6.59 5.55
CA VAL A 81 -7.40 7.31 4.44
C VAL A 81 -8.89 7.09 4.22
N TYR A 82 -9.61 8.17 3.96
CA TYR A 82 -11.03 8.12 3.63
C TYR A 82 -11.20 8.96 2.38
N SER A 83 -12.36 8.89 1.76
CA SER A 83 -12.62 9.65 0.56
C SER A 83 -13.65 10.71 0.95
N ILE A 84 -13.46 11.94 0.49
CA ILE A 84 -14.42 13.00 0.82
C ILE A 84 -15.76 12.85 0.07
N THR A 85 -15.85 11.88 -0.83
CA THR A 85 -17.07 11.65 -1.58
C THR A 85 -17.90 10.49 -1.03
N ALA A 86 -17.46 9.88 0.04
CA ALA A 86 -18.19 8.77 0.62
C ALA A 86 -18.13 8.81 2.12
N GLN A 87 -19.25 9.20 2.75
CA GLN A 87 -19.37 9.32 4.20
C GLN A 87 -18.99 8.07 4.97
N SER A 88 -19.43 6.91 4.52
CA SER A 88 -19.12 5.68 5.22
C SER A 88 -17.64 5.39 5.39
N THR A 89 -16.81 5.82 4.45
CA THR A 89 -15.39 5.56 4.55
C THR A 89 -14.75 6.35 5.69
N PHE A 90 -15.30 7.53 5.96
CA PHE A 90 -14.85 8.41 7.03
C PHE A 90 -15.30 7.83 8.39
N ASN A 91 -16.53 7.32 8.42
CA ASN A 91 -17.11 6.72 9.62
C ASN A 91 -16.39 5.46 10.05
N ASP A 92 -15.90 4.71 9.07
CA ASP A 92 -15.19 3.46 9.30
C ASP A 92 -13.83 3.63 9.98
N LEU A 93 -13.27 4.84 9.98
CA LEU A 93 -11.93 5.02 10.54
C LEU A 93 -11.74 4.97 12.04
N GLN A 94 -12.75 5.35 12.80
CA GLN A 94 -12.64 5.34 14.26
C GLN A 94 -12.24 3.95 14.78
N ASP A 95 -12.80 2.92 14.18
CA ASP A 95 -12.49 1.54 14.57
C ASP A 95 -11.05 1.18 14.29
N LEU A 96 -10.52 1.67 13.16
CA LEU A 96 -9.14 1.41 12.79
C LEU A 96 -8.23 2.10 13.78
N ARG A 97 -8.52 3.35 14.14
CA ARG A 97 -7.64 4.02 15.09
C ARG A 97 -7.66 3.38 16.46
N GLU A 98 -8.81 2.87 16.87
CA GLU A 98 -8.92 2.21 18.18
C GLU A 98 -8.13 0.90 18.18
N GLN A 99 -8.20 0.18 17.05
CA GLN A 99 -7.53 -1.10 16.89
C GLN A 99 -6.02 -0.95 16.94
N ILE A 100 -5.49 0.12 16.33
CA ILE A 100 -4.06 0.42 16.33
C ILE A 100 -3.57 0.72 17.76
N LEU A 101 -4.28 1.57 18.50
CA LEU A 101 -3.87 1.92 19.85
C LEU A 101 -3.82 0.68 20.70
N ARG A 102 -4.81 -0.18 20.49
CA ARG A 102 -4.94 -1.44 21.20
C ARG A 102 -3.75 -2.36 20.93
N VAL A 103 -3.33 -2.45 19.67
CA VAL A 103 -2.20 -3.30 19.29
C VAL A 103 -0.85 -2.75 19.74
N LYS A 104 -0.64 -1.45 19.60
CA LYS A 104 0.61 -0.83 20.02
C LYS A 104 0.62 -0.61 21.53
N ASP A 105 -0.58 -0.36 22.08
CA ASP A 105 -0.73 -0.14 23.51
C ASP A 105 -0.12 1.20 23.91
N THR A 106 -0.45 2.26 23.16
CA THR A 106 0.02 3.62 23.44
C THR A 106 -0.88 4.54 22.66
N GLU A 107 -1.11 5.75 23.14
CA GLU A 107 -1.97 6.70 22.42
C GLU A 107 -1.10 7.52 21.50
N ASP A 108 0.21 7.39 21.69
CA ASP A 108 1.14 8.14 20.89
C ASP A 108 1.85 7.28 19.88
N VAL A 109 1.23 7.20 18.71
CA VAL A 109 1.68 6.39 17.59
C VAL A 109 1.65 7.34 16.41
N PRO A 110 2.71 7.37 15.57
CA PRO A 110 2.75 8.24 14.39
C PRO A 110 1.53 7.95 13.50
N MET A 111 0.77 8.99 13.17
CA MET A 111 -0.45 8.80 12.41
C MET A 111 -0.88 10.07 11.69
N ILE A 112 -1.53 9.90 10.55
CA ILE A 112 -2.03 11.01 9.78
C ILE A 112 -3.39 10.61 9.19
N LEU A 113 -4.40 11.47 9.39
CA LEU A 113 -5.75 11.29 8.86
C LEU A 113 -5.73 11.95 7.50
N VAL A 114 -6.11 11.23 6.47
CA VAL A 114 -6.09 11.75 5.12
C VAL A 114 -7.43 11.72 4.42
N GLY A 115 -7.89 12.88 3.96
CA GLY A 115 -9.13 12.96 3.23
C GLY A 115 -8.76 13.05 1.76
N ASN A 116 -8.88 11.93 1.06
CA ASN A 116 -8.54 11.86 -0.35
C ASN A 116 -9.66 12.23 -1.32
N LYS A 117 -9.29 12.47 -2.57
CA LYS A 117 -10.19 12.84 -3.64
C LYS A 117 -10.68 14.27 -3.45
N CYS A 118 -9.79 15.13 -2.94
CA CYS A 118 -10.10 16.54 -2.68
C CYS A 118 -10.33 17.34 -3.97
N ASP A 119 -10.00 16.71 -5.10
CA ASP A 119 -10.21 17.28 -6.40
C ASP A 119 -11.68 17.17 -6.84
N LEU A 120 -12.46 16.37 -6.12
CA LEU A 120 -13.87 16.18 -6.43
C LEU A 120 -14.68 17.00 -5.43
N GLU A 121 -14.44 18.30 -5.47
CA GLU A 121 -15.08 19.21 -4.56
C GLU A 121 -16.59 19.26 -4.66
N ASP A 122 -17.13 19.17 -5.88
CA ASP A 122 -18.57 19.21 -6.08
C ASP A 122 -19.27 17.99 -5.53
N GLU A 123 -18.53 16.90 -5.36
CA GLU A 123 -19.08 15.67 -4.84
C GLU A 123 -18.79 15.48 -3.34
N ARG A 124 -18.19 16.47 -2.71
CA ARG A 124 -17.88 16.40 -1.29
C ARG A 124 -19.09 16.12 -0.38
N VAL A 125 -18.96 15.12 0.50
CA VAL A 125 -20.01 14.78 1.47
C VAL A 125 -19.44 14.73 2.90
N VAL A 126 -18.15 15.04 3.01
CA VAL A 126 -17.49 15.11 4.31
C VAL A 126 -16.79 16.47 4.30
N GLY A 127 -17.14 17.34 5.22
CA GLY A 127 -16.53 18.65 5.25
C GLY A 127 -15.11 18.64 5.76
N LYS A 128 -14.36 19.67 5.41
CA LYS A 128 -12.98 19.75 5.87
C LYS A 128 -12.89 19.95 7.39
N GLU A 129 -13.72 20.82 7.98
CA GLU A 129 -13.64 20.99 9.43
C GLU A 129 -14.10 19.71 10.13
N GLN A 130 -14.98 18.98 9.48
CA GLN A 130 -15.48 17.72 10.01
C GLN A 130 -14.27 16.78 10.10
N GLY A 131 -13.41 16.83 9.09
CA GLY A 131 -12.22 16.01 9.08
C GLY A 131 -11.25 16.54 10.10
N GLN A 132 -11.00 17.83 10.09
CA GLN A 132 -10.09 18.40 11.08
C GLN A 132 -10.55 18.17 12.50
N ASN A 133 -11.86 18.20 12.74
CA ASN A 133 -12.36 17.98 14.09
C ASN A 133 -12.20 16.56 14.60
N LEU A 134 -12.09 15.60 13.68
CA LEU A 134 -11.91 14.20 14.06
C LEU A 134 -10.44 14.05 14.49
N ALA A 135 -9.53 14.65 13.73
CA ALA A 135 -8.12 14.57 14.03
C ALA A 135 -7.76 15.22 15.37
N ARG A 136 -8.44 16.31 15.72
CA ARG A 136 -8.15 16.97 16.97
C ARG A 136 -8.50 16.07 18.14
N GLN A 137 -9.57 15.28 17.98
CA GLN A 137 -10.01 14.37 18.99
C GLN A 137 -9.03 13.22 19.11
N TRP A 138 -8.41 12.87 18.01
CA TRP A 138 -7.43 11.79 18.07
C TRP A 138 -6.12 12.36 18.55
N CYS A 139 -6.16 13.08 19.66
CA CYS A 139 -4.98 13.70 20.24
C CYS A 139 -4.23 14.65 19.33
N ASN A 140 -5.02 15.43 18.58
CA ASN A 140 -4.50 16.43 17.68
C ASN A 140 -3.57 15.83 16.60
N CYS A 141 -3.94 14.67 16.05
CA CYS A 141 -3.07 14.06 15.05
C CYS A 141 -3.08 14.81 13.74
N ALA A 142 -2.03 14.62 12.95
CA ALA A 142 -1.91 15.27 11.65
C ALA A 142 -3.14 15.00 10.79
N PHE A 143 -3.49 15.97 9.96
CA PHE A 143 -4.63 15.85 9.10
C PHE A 143 -4.35 16.60 7.82
N LEU A 144 -4.79 16.05 6.71
CA LEU A 144 -4.65 16.74 5.46
C LEU A 144 -5.60 16.19 4.44
N GLU A 145 -5.89 16.98 3.42
CA GLU A 145 -6.76 16.55 2.35
C GLU A 145 -5.91 16.38 1.12
N SER A 146 -6.04 15.26 0.45
CA SER A 146 -5.20 15.01 -0.70
C SER A 146 -5.92 14.67 -1.97
N SER A 147 -5.13 14.46 -3.01
CA SER A 147 -5.61 14.06 -4.31
C SER A 147 -4.49 13.35 -5.03
N ALA A 148 -4.70 12.07 -5.33
CA ALA A 148 -3.73 11.25 -6.07
C ALA A 148 -3.77 11.69 -7.52
N LYS A 149 -4.95 12.15 -7.96
CA LYS A 149 -5.11 12.60 -9.33
C LYS A 149 -4.43 13.93 -9.68
N SER A 150 -4.61 14.95 -8.83
CA SER A 150 -4.04 16.26 -9.03
C SER A 150 -2.68 16.44 -8.36
N LYS A 151 -2.25 15.42 -7.61
CA LYS A 151 -0.99 15.45 -6.91
C LYS A 151 -0.96 16.52 -5.84
N ILE A 152 -1.97 16.52 -4.99
CA ILE A 152 -2.06 17.48 -3.93
C ILE A 152 -1.71 16.80 -2.61
N ASN A 153 -0.64 17.24 -1.96
CA ASN A 153 -0.24 16.66 -0.68
C ASN A 153 0.04 15.16 -0.69
N VAL A 154 0.43 14.60 -1.82
CA VAL A 154 0.74 13.17 -1.90
C VAL A 154 2.06 12.85 -1.19
N ASN A 155 3.11 13.62 -1.48
CA ASN A 155 4.40 13.38 -0.85
C ASN A 155 4.33 13.72 0.61
N GLU A 156 3.52 14.72 0.93
CA GLU A 156 3.39 15.17 2.30
C GLU A 156 2.89 14.10 3.29
N ILE A 157 1.98 13.23 2.85
CA ILE A 157 1.46 12.19 3.72
C ILE A 157 2.60 11.34 4.27
N PHE A 158 3.45 10.87 3.35
CA PHE A 158 4.57 10.01 3.71
C PHE A 158 5.75 10.68 4.43
N TYR A 159 6.10 11.91 4.03
CA TYR A 159 7.19 12.62 4.70
C TYR A 159 6.77 12.97 6.11
N ASP A 160 5.50 13.34 6.29
CA ASP A 160 5.06 13.68 7.64
C ASP A 160 5.22 12.50 8.57
N LEU A 161 4.86 11.31 8.10
CA LEU A 161 4.98 10.12 8.93
C LEU A 161 6.46 9.85 9.27
N VAL A 162 7.35 10.08 8.31
CA VAL A 162 8.77 9.91 8.55
C VAL A 162 9.19 10.92 9.63
N ARG A 163 8.71 12.16 9.53
CA ARG A 163 9.03 13.19 10.52
C ARG A 163 8.54 12.89 11.94
N GLN A 164 7.36 12.31 12.08
CA GLN A 164 6.80 11.98 13.41
C GLN A 164 7.57 10.86 14.04
N ILE A 165 8.05 9.94 13.21
CA ILE A 165 8.82 8.80 13.67
C ILE A 165 10.20 9.27 14.11
N ASN A 166 10.72 10.31 13.47
CA ASN A 166 12.03 10.85 13.84
C ASN A 166 12.02 11.60 15.17
N ARG A 167 10.84 11.91 15.69
CA ARG A 167 10.72 12.58 16.98
C ARG A 167 10.50 11.46 18.02
N ASN B 6 -7.85 -17.80 -6.88
CA ASN B 6 -7.13 -17.77 -8.20
C ASN B 6 -6.05 -16.72 -8.15
N THR B 7 -5.12 -16.87 -7.23
CA THR B 7 -4.07 -15.89 -7.04
C THR B 7 -2.71 -16.55 -6.97
N ILE B 8 -1.68 -15.72 -7.11
CA ILE B 8 -0.29 -16.17 -7.01
C ILE B 8 0.45 -15.12 -6.18
N ARG B 9 1.19 -15.53 -5.16
CA ARG B 9 1.97 -14.58 -4.39
C ARG B 9 3.36 -14.50 -5.04
N VAL B 10 3.84 -13.28 -5.26
CA VAL B 10 5.15 -13.07 -5.88
C VAL B 10 6.04 -12.17 -5.03
N PHE B 11 7.23 -12.66 -4.71
CA PHE B 11 8.18 -11.88 -3.95
C PHE B 11 9.02 -11.16 -4.99
N LEU B 12 9.21 -9.86 -4.81
CA LEU B 12 9.91 -9.03 -5.79
C LEU B 12 11.20 -8.47 -5.24
N PRO B 13 12.07 -7.89 -6.10
CA PRO B 13 13.31 -7.34 -5.56
C PRO B 13 13.05 -6.13 -4.64
N ASN B 14 14.07 -5.76 -3.85
CA ASN B 14 14.01 -4.66 -2.89
C ASN B 14 12.99 -4.96 -1.80
N LYS B 15 12.91 -6.25 -1.45
CA LYS B 15 11.99 -6.74 -0.41
C LYS B 15 10.53 -6.35 -0.62
N GLN B 16 10.05 -6.50 -1.85
CA GLN B 16 8.67 -6.18 -2.15
C GLN B 16 7.87 -7.44 -2.44
N ARG B 17 6.55 -7.33 -2.40
CA ARG B 17 5.71 -8.47 -2.66
C ARG B 17 4.37 -8.05 -3.20
N THR B 18 3.73 -8.95 -3.94
CA THR B 18 2.43 -8.70 -4.51
C THR B 18 1.68 -10.02 -4.65
N VAL B 19 0.35 -9.95 -4.62
CA VAL B 19 -0.48 -11.12 -4.83
C VAL B 19 -1.32 -10.69 -6.00
N VAL B 20 -1.18 -11.40 -7.13
CA VAL B 20 -1.94 -11.07 -8.32
C VAL B 20 -3.08 -12.05 -8.61
N ASN B 21 -4.08 -11.56 -9.34
CA ASN B 21 -5.22 -12.35 -9.75
C ASN B 21 -4.84 -12.93 -11.10
N VAL B 22 -5.28 -14.15 -11.36
CA VAL B 22 -4.99 -14.80 -12.63
C VAL B 22 -6.29 -15.05 -13.36
N ARG B 23 -6.42 -14.48 -14.54
CA ARG B 23 -7.59 -14.69 -15.37
C ARG B 23 -7.13 -15.72 -16.39
N ASN B 24 -7.97 -16.73 -16.64
CA ASN B 24 -7.61 -17.81 -17.57
C ASN B 24 -7.14 -17.23 -18.89
N GLY B 25 -6.03 -17.76 -19.38
CA GLY B 25 -5.48 -17.28 -20.63
C GLY B 25 -4.26 -16.41 -20.45
N MET B 26 -4.09 -15.77 -19.29
CA MET B 26 -2.92 -14.91 -19.06
C MET B 26 -1.63 -15.68 -19.01
N SER B 27 -0.57 -15.10 -19.56
CA SER B 27 0.74 -15.72 -19.47
C SER B 27 1.32 -15.10 -18.20
N LEU B 28 2.39 -15.67 -17.68
CA LEU B 28 3.03 -15.18 -16.47
C LEU B 28 3.38 -13.68 -16.60
N HIS B 29 3.81 -13.29 -17.80
CA HIS B 29 4.15 -11.92 -18.16
C HIS B 29 2.89 -11.00 -18.11
N ASP B 30 1.73 -11.50 -18.53
CA ASP B 30 0.52 -10.69 -18.52
C ASP B 30 0.01 -10.43 -17.12
N CYS B 31 0.10 -11.40 -16.23
CA CYS B 31 -0.43 -11.20 -14.88
C CYS B 31 0.41 -10.38 -13.91
N LEU B 32 1.70 -10.24 -14.20
CA LEU B 32 2.60 -9.51 -13.35
C LEU B 32 2.97 -8.15 -13.95
N MET B 33 2.54 -7.92 -15.18
CA MET B 33 2.82 -6.68 -15.89
C MET B 33 2.60 -5.39 -15.08
N LYS B 34 1.38 -5.20 -14.58
CA LYS B 34 1.04 -4.04 -13.79
C LYS B 34 1.85 -3.93 -12.48
N ALA B 35 2.03 -5.02 -11.76
CA ALA B 35 2.79 -4.98 -10.51
C ALA B 35 4.25 -4.57 -10.72
N LEU B 36 4.83 -5.00 -11.83
CA LEU B 36 6.21 -4.66 -12.13
C LEU B 36 6.31 -3.19 -12.57
N LYS B 37 5.37 -2.75 -13.40
CA LYS B 37 5.35 -1.39 -13.90
C LYS B 37 5.25 -0.33 -12.82
N VAL B 38 4.39 -0.54 -11.83
CA VAL B 38 4.22 0.46 -10.77
C VAL B 38 5.38 0.50 -9.81
N ARG B 39 6.33 -0.42 -9.96
CA ARG B 39 7.53 -0.44 -9.12
C ARG B 39 8.79 -0.14 -9.96
N GLY B 40 8.57 0.16 -11.25
CA GLY B 40 9.66 0.47 -12.16
C GLY B 40 10.55 -0.71 -12.52
N LEU B 41 10.02 -1.91 -12.45
CA LEU B 41 10.79 -3.11 -12.74
C LEU B 41 10.44 -3.52 -14.16
N GLN B 42 11.44 -3.98 -14.92
CA GLN B 42 11.19 -4.37 -16.29
C GLN B 42 11.47 -5.86 -16.37
N PRO B 43 10.49 -6.68 -16.80
CA PRO B 43 10.70 -8.13 -16.91
C PRO B 43 11.93 -8.63 -17.68
N GLU B 44 12.30 -7.92 -18.73
CA GLU B 44 13.46 -8.29 -19.54
C GLU B 44 14.79 -8.29 -18.78
N CYS B 45 14.81 -7.62 -17.62
CA CYS B 45 16.01 -7.52 -16.78
C CYS B 45 15.90 -8.45 -15.57
N CYS B 46 14.83 -9.22 -15.52
CA CYS B 46 14.59 -10.12 -14.38
C CYS B 46 14.32 -11.57 -14.76
N ALA B 47 14.63 -12.47 -13.83
CA ALA B 47 14.35 -13.90 -13.98
C ALA B 47 13.23 -14.17 -12.99
N VAL B 48 12.33 -15.10 -13.32
CA VAL B 48 11.24 -15.43 -12.41
C VAL B 48 11.36 -16.92 -12.04
N PHE B 49 11.18 -17.22 -10.77
CA PHE B 49 11.31 -18.57 -10.26
C PHE B 49 10.11 -19.05 -9.51
N ARG B 50 10.01 -20.35 -9.43
CA ARG B 50 8.97 -21.03 -8.70
C ARG B 50 9.71 -21.48 -7.43
N LEU B 51 9.14 -21.22 -6.26
CA LEU B 51 9.78 -21.60 -5.03
C LEU B 51 9.51 -23.04 -4.70
N LEU B 52 10.57 -23.83 -4.54
CA LEU B 52 10.43 -25.26 -4.22
C LEU B 52 10.52 -25.40 -2.71
N HIS B 53 9.38 -25.67 -2.08
CA HIS B 53 9.32 -25.81 -0.63
C HIS B 53 9.76 -27.19 -0.21
N GLU B 54 9.58 -28.17 -1.09
CA GLU B 54 9.95 -29.55 -0.85
C GLU B 54 11.44 -29.75 -0.72
N HIS B 55 12.19 -29.02 -1.54
CA HIS B 55 13.66 -29.09 -1.56
C HIS B 55 14.29 -27.90 -0.85
N LYS B 56 13.99 -27.77 0.44
CA LYS B 56 14.51 -26.70 1.29
C LYS B 56 15.31 -25.53 0.68
N GLY B 57 14.59 -24.56 0.14
CA GLY B 57 15.27 -23.38 -0.40
C GLY B 57 15.60 -23.30 -1.87
N LYS B 58 15.27 -24.31 -2.67
CA LYS B 58 15.58 -24.20 -4.08
C LYS B 58 14.49 -23.45 -4.83
N LYS B 59 14.87 -22.87 -5.96
CA LYS B 59 13.98 -22.14 -6.84
C LYS B 59 14.18 -22.83 -8.18
N ALA B 60 13.15 -22.82 -9.01
CA ALA B 60 13.27 -23.41 -10.32
C ALA B 60 12.83 -22.32 -11.27
N ARG B 61 13.72 -21.91 -12.17
CA ARG B 61 13.44 -20.85 -13.12
C ARG B 61 12.34 -21.16 -14.13
N LEU B 62 11.50 -20.17 -14.39
CA LEU B 62 10.36 -20.26 -15.30
C LEU B 62 10.49 -19.29 -16.45
N ASP B 63 9.84 -19.62 -17.57
CA ASP B 63 9.79 -18.77 -18.76
C ASP B 63 8.70 -17.72 -18.48
N TRP B 64 8.93 -16.48 -18.89
CA TRP B 64 7.97 -15.40 -18.72
C TRP B 64 6.67 -15.67 -19.48
N ASN B 65 6.75 -16.52 -20.50
CA ASN B 65 5.60 -16.86 -21.32
C ASN B 65 4.82 -18.06 -20.78
N THR B 66 5.15 -18.54 -19.59
CA THR B 66 4.40 -19.66 -19.00
C THR B 66 2.90 -19.29 -18.78
N ASP B 67 2.03 -20.27 -18.96
CA ASP B 67 0.61 -20.06 -18.73
C ASP B 67 0.45 -19.82 -17.23
N ALA B 68 -0.14 -18.68 -16.86
CA ALA B 68 -0.30 -18.34 -15.44
C ALA B 68 -1.27 -19.21 -14.64
N ALA B 69 -2.35 -19.67 -15.24
CA ALA B 69 -3.34 -20.48 -14.53
C ALA B 69 -2.75 -21.80 -14.05
N SER B 70 -1.66 -22.24 -14.67
CA SER B 70 -0.98 -23.48 -14.31
C SER B 70 -0.18 -23.30 -13.04
N LEU B 71 -0.02 -22.06 -12.62
CA LEU B 71 0.77 -21.74 -11.44
C LEU B 71 -0.02 -21.29 -10.22
N ILE B 72 -1.35 -21.42 -10.25
CA ILE B 72 -2.20 -21.02 -9.13
C ILE B 72 -1.75 -21.84 -7.92
N GLY B 73 -1.60 -21.18 -6.78
CA GLY B 73 -1.14 -21.89 -5.60
C GLY B 73 0.37 -21.90 -5.45
N GLU B 74 1.12 -21.64 -6.50
CA GLU B 74 2.57 -21.62 -6.40
C GLU B 74 3.04 -20.26 -5.95
N GLU B 75 4.13 -20.22 -5.18
CA GLU B 75 4.69 -18.96 -4.74
C GLU B 75 5.91 -18.74 -5.62
N LEU B 76 6.04 -17.52 -6.13
CA LEU B 76 7.10 -17.18 -7.04
C LEU B 76 8.06 -16.11 -6.51
N GLN B 77 9.19 -16.01 -7.18
CA GLN B 77 10.20 -15.02 -6.85
C GLN B 77 10.78 -14.42 -8.10
N VAL B 78 10.79 -13.09 -8.17
CA VAL B 78 11.37 -12.35 -9.30
C VAL B 78 12.70 -11.77 -8.82
N ASP B 79 13.78 -12.05 -9.56
CA ASP B 79 15.12 -11.55 -9.24
C ASP B 79 15.72 -10.87 -10.44
N PHE B 80 16.73 -10.04 -10.20
CA PHE B 80 17.39 -9.37 -11.29
C PHE B 80 18.44 -10.32 -11.89
N LEU B 81 18.70 -10.13 -13.17
CA LEU B 81 19.73 -10.88 -13.85
C LEU B 81 21.09 -10.17 -13.55
MG MG C . -5.95 -0.71 -3.21
PG GNP D . -9.11 -1.14 -2.35
O1G GNP D . -8.97 -1.21 -0.97
O2G GNP D . -10.01 -2.15 -2.88
O3G GNP D . -7.75 -1.71 -2.78
N3B GNP D . -9.16 0.30 -3.03
PB GNP D . -8.18 1.66 -2.80
O1B GNP D . -8.41 2.41 -1.59
O2B GNP D . -6.75 1.35 -2.98
O3A GNP D . -8.50 2.55 -4.01
PA GNP D . -7.86 2.81 -5.35
O1A GNP D . -7.93 1.72 -6.27
O2A GNP D . -6.59 3.44 -5.22
O5' GNP D . -8.76 3.84 -5.95
C5' GNP D . -10.18 3.62 -6.26
C4' GNP D . -10.61 4.48 -7.39
O4' GNP D . -10.61 5.89 -7.06
C3' GNP D . -9.73 4.39 -8.60
O3' GNP D . -10.52 4.49 -9.78
C2' GNP D . -8.88 5.63 -8.54
O2' GNP D . -8.45 6.08 -9.82
C1' GNP D . -9.79 6.63 -7.99
N9 GNP D . -8.97 7.69 -7.31
C8 GNP D . -8.02 7.57 -6.33
N7 GNP D . -7.62 8.65 -5.78
C5 GNP D . -8.33 9.59 -6.43
C6 GNP D . -8.33 10.93 -6.29
O6 GNP D . -7.67 11.54 -5.45
N1 GNP D . -9.11 11.59 -7.14
C2 GNP D . -9.97 11.00 -7.98
N2 GNP D . -10.67 11.68 -8.84
N3 GNP D . -10.03 9.72 -8.14
C4 GNP D . -9.20 9.05 -7.32
CA CA E . 1.80 -23.00 -2.36
#